data_5AZ8
#
_entry.id   5AZ8
#
_cell.length_a   69.013
_cell.length_b   69.013
_cell.length_c   212.604
_cell.angle_alpha   90.00
_cell.angle_beta   90.00
_cell.angle_gamma   90.00
#
_symmetry.space_group_name_H-M   'P 43 21 2'
#
loop_
_entity.id
_entity.type
_entity.pdbx_description
1 polymer 'Maltose-binding periplasmic protein,Mitochondrial import receptor subunit TOM20 homolog'
2 polymer 'peptide GPRLSRLLSYAGC'
3 branched alpha-D-glucopyranose-(1-4)-alpha-D-glucopyranose
4 non-polymer 'ACETYLAMINO-ACETIC ACID'
5 water water
#
loop_
_entity_poly.entity_id
_entity_poly.type
_entity_poly.pdbx_seq_one_letter_code
_entity_poly.pdbx_strand_id
1 'polypeptide(L)'
;MKIEEGKLVIWINGDKGYNGLAEVGKKFEKDTGIKVTVEHPDKLEEKFPQVAATGDGPDIIFWAHDRFGGYAQSGLLAEI
TPDKAFQDKLYPFTWDAVRYNGKLIAYPIAVEALSLIYNKDLLPNPPKTWEEIPALDKELKAKGKSALMFNLQEPYFTWP
LIAADGGYAFKYENGKYDIKDVGVDNAGAKAGLTFLVDLIKNKHMNADTDYSIAEAAFNKGETAMTINGPWAWSNIDTSK
VNYGVTVLPTFKGQPSKPFVGVLSAGINAASPNKELAKEFLENYLLTDEGLEAVNKDKPLGAVALKSYEEELVKDPRIAA
TMENAQKGEIMPNIPQMSAFWYAVRTAVINAASGRQTVDEALKDAQTRIKEALAVQKFFLEEIQLGEELLAQGDYEKGVD
HLTNAIAVCGQPQQLLQVLQQTLPPPVFQMLLTKL
;
A
2 'polypeptide(L)' GPRLSRLLSYAG(CY3) B
#
# COMPACT_ATOMS: atom_id res chain seq x y z
N ILE A 3 -22.71 9.21 -6.49
CA ILE A 3 -21.65 9.86 -7.33
C ILE A 3 -22.34 10.62 -8.46
N GLU A 4 -21.88 11.84 -8.73
CA GLU A 4 -22.53 12.68 -9.73
C GLU A 4 -22.13 12.38 -11.17
N GLU A 5 -23.12 12.18 -12.03
CA GLU A 5 -22.83 11.93 -13.44
C GLU A 5 -22.47 13.26 -14.11
N GLY A 6 -21.45 13.24 -14.95
CA GLY A 6 -21.01 14.43 -15.66
C GLY A 6 -19.92 15.24 -15.03
N LYS A 7 -19.25 14.69 -14.00
CA LYS A 7 -18.08 15.30 -13.39
C LYS A 7 -17.15 14.19 -12.96
N LEU A 8 -15.89 14.48 -12.71
CA LEU A 8 -15.01 13.42 -12.14
C LEU A 8 -14.50 13.89 -10.79
N VAL A 9 -14.57 13.02 -9.82
CA VAL A 9 -13.95 13.24 -8.47
C VAL A 9 -12.83 12.20 -8.35
N ILE A 10 -11.64 12.69 -8.02
CA ILE A 10 -10.43 11.89 -7.94
C ILE A 10 -9.86 11.98 -6.52
N TRP A 11 -9.51 10.86 -5.91
CA TRP A 11 -8.74 10.86 -4.64
C TRP A 11 -7.31 10.39 -4.85
N ILE A 12 -6.34 11.17 -4.31
CA ILE A 12 -4.94 10.77 -4.34
C ILE A 12 -4.32 11.21 -3.02
N ASN A 13 -3.26 10.52 -2.59
CA ASN A 13 -2.66 10.86 -1.31
C ASN A 13 -2.00 12.21 -1.31
N GLY A 14 -2.07 12.84 -0.12
CA GLY A 14 -1.60 14.20 0.07
C GLY A 14 -0.09 14.38 -0.04
N ASP A 15 0.69 13.29 -0.05
CA ASP A 15 2.11 13.38 -0.36
C ASP A 15 2.43 13.44 -1.87
N LYS A 16 1.44 13.25 -2.74
CA LYS A 16 1.70 13.16 -4.20
C LYS A 16 1.31 14.48 -4.87
N GLY A 17 1.58 14.56 -6.15
CA GLY A 17 1.40 15.79 -6.92
C GLY A 17 -0.05 16.10 -7.26
N TYR A 18 -0.88 16.31 -6.25
CA TYR A 18 -2.28 16.55 -6.50
C TYR A 18 -2.56 17.85 -7.23
N ASN A 19 -1.75 18.87 -6.99
CA ASN A 19 -1.94 20.10 -7.80
C ASN A 19 -1.59 19.95 -9.26
N GLY A 20 -0.57 19.18 -9.55
CA GLY A 20 -0.23 18.85 -10.90
C GLY A 20 -1.35 18.01 -11.56
N LEU A 21 -1.85 17.04 -10.84
CA LEU A 21 -2.98 16.22 -11.32
C LEU A 21 -4.19 17.12 -11.63
N ALA A 22 -4.43 18.10 -10.75
CA ALA A 22 -5.50 19.10 -10.97
C ALA A 22 -5.29 19.91 -12.25
N GLU A 23 -4.04 20.20 -12.61
CA GLU A 23 -3.69 20.82 -13.92
C GLU A 23 -4.11 19.94 -15.10
N VAL A 24 -3.86 18.63 -14.99
CA VAL A 24 -4.33 17.71 -16.01
C VAL A 24 -5.86 17.74 -16.09
N GLY A 25 -6.51 17.80 -14.94
CA GLY A 25 -7.98 17.95 -14.80
C GLY A 25 -8.49 19.24 -15.48
N LYS A 26 -7.79 20.34 -15.38
CA LYS A 26 -8.21 21.56 -16.05
C LYS A 26 -8.04 21.47 -17.55
N LYS A 27 -7.03 20.77 -18.05
CA LYS A 27 -6.90 20.52 -19.45
C LYS A 27 -8.10 19.67 -19.96
N PHE A 28 -8.40 18.65 -19.19
CA PHE A 28 -9.56 17.80 -19.49
C PHE A 28 -10.83 18.65 -19.54
N GLU A 29 -11.04 19.53 -18.55
CA GLU A 29 -12.25 20.41 -18.51
C GLU A 29 -12.29 21.38 -19.69
N LYS A 30 -11.10 21.93 -20.07
CA LYS A 30 -11.02 22.80 -21.24
C LYS A 30 -11.54 22.08 -22.52
N ASP A 31 -11.12 20.81 -22.70
CA ASP A 31 -11.41 20.04 -23.90
C ASP A 31 -12.80 19.48 -23.89
N THR A 32 -13.38 19.18 -22.72
CA THR A 32 -14.55 18.31 -22.67
C THR A 32 -15.66 19.03 -21.93
N GLY A 33 -16.81 18.54 -21.87
CA GLY A 33 -17.49 19.41 -20.68
C GLY A 33 -16.95 19.73 -19.17
N ILE A 34 -16.01 18.94 -18.75
CA ILE A 34 -16.21 18.16 -17.55
C ILE A 34 -15.27 18.62 -16.47
N LYS A 35 -15.87 19.02 -15.34
CA LYS A 35 -15.04 19.48 -14.21
C LYS A 35 -14.40 18.25 -13.54
N VAL A 36 -13.15 18.38 -13.15
CA VAL A 36 -12.43 17.36 -12.44
C VAL A 36 -11.97 17.93 -11.09
N THR A 37 -12.45 17.29 -10.03
CA THR A 37 -12.15 17.73 -8.68
C THR A 37 -11.15 16.74 -8.06
N VAL A 38 -9.96 17.21 -7.75
CA VAL A 38 -8.97 16.38 -7.13
C VAL A 38 -8.95 16.68 -5.63
N GLU A 39 -9.09 15.62 -4.86
CA GLU A 39 -9.13 15.68 -3.37
C GLU A 39 -8.05 14.76 -2.82
N HIS A 40 -7.59 15.09 -1.62
CA HIS A 40 -6.55 14.28 -0.96
C HIS A 40 -7.00 14.00 0.48
N PRO A 41 -8.10 13.25 0.65
CA PRO A 41 -8.58 13.05 2.02
C PRO A 41 -7.52 12.30 2.85
N ASP A 42 -7.52 12.56 4.15
CA ASP A 42 -6.74 11.66 5.06
C ASP A 42 -7.28 10.22 5.06
N LYS A 43 -6.37 9.29 5.25
CA LYS A 43 -6.67 7.86 5.24
C LYS A 43 -7.52 7.38 4.08
N LEU A 44 -7.20 7.87 2.85
CA LEU A 44 -8.10 7.56 1.73
C LEU A 44 -8.13 6.07 1.44
N GLU A 45 -7.03 5.36 1.70
CA GLU A 45 -7.02 3.94 1.39
C GLU A 45 -7.96 3.12 2.29
N GLU A 46 -8.27 3.66 3.46
CA GLU A 46 -9.39 3.12 4.37
C GLU A 46 -10.74 3.67 4.13
N LYS A 47 -10.78 4.93 3.74
CA LYS A 47 -12.08 5.58 3.48
C LYS A 47 -12.73 5.00 2.22
N PHE A 48 -11.92 4.75 1.20
CA PHE A 48 -12.49 4.25 -0.04
C PHE A 48 -13.34 3.04 0.07
N PRO A 49 -12.92 1.95 0.76
CA PRO A 49 -13.80 0.78 0.82
C PRO A 49 -15.06 1.00 1.64
N GLN A 50 -14.98 1.93 2.56
CA GLN A 50 -16.16 2.25 3.44
C GLN A 50 -17.22 2.94 2.57
N VAL A 51 -16.82 3.96 1.87
CA VAL A 51 -17.80 4.73 1.03
C VAL A 51 -18.19 4.02 -0.25
N ALA A 52 -17.24 3.32 -0.93
CA ALA A 52 -17.57 2.69 -2.18
C ALA A 52 -18.51 1.49 -1.97
N ALA A 53 -18.51 0.90 -0.79
CA ALA A 53 -19.45 -0.19 -0.47
C ALA A 53 -20.90 0.30 -0.49
N THR A 54 -21.12 1.58 -0.25
CA THR A 54 -22.48 2.17 -0.37
C THR A 54 -22.78 2.77 -1.75
N GLY A 55 -21.90 2.59 -2.73
CA GLY A 55 -22.05 3.31 -4.03
C GLY A 55 -21.64 4.76 -4.03
N ASP A 56 -20.89 5.20 -3.03
CA ASP A 56 -20.42 6.58 -2.92
C ASP A 56 -18.90 6.64 -3.17
N GLY A 57 -18.29 7.80 -2.97
CA GLY A 57 -16.84 7.91 -3.14
C GLY A 57 -16.43 8.59 -4.43
N PRO A 58 -15.10 8.54 -4.72
CA PRO A 58 -14.57 9.17 -5.91
C PRO A 58 -14.90 8.35 -7.13
N ASP A 59 -14.84 8.94 -8.32
CA ASP A 59 -14.83 8.14 -9.54
C ASP A 59 -13.55 7.37 -9.75
N ILE A 60 -12.43 7.99 -9.37
CA ILE A 60 -11.14 7.42 -9.57
C ILE A 60 -10.36 7.48 -8.21
N ILE A 61 -9.70 6.38 -7.88
CA ILE A 61 -8.86 6.25 -6.66
C ILE A 61 -7.45 5.96 -7.03
N PHE A 62 -6.52 6.77 -6.53
CA PHE A 62 -5.11 6.47 -6.68
C PHE A 62 -4.48 5.93 -5.41
N TRP A 63 -3.77 4.81 -5.52
CA TRP A 63 -2.97 4.29 -4.40
C TRP A 63 -1.95 3.36 -5.01
N ALA A 64 -0.97 2.94 -4.21
CA ALA A 64 -0.16 1.81 -4.64
C ALA A 64 -1.03 0.57 -4.84
N HIS A 65 -0.52 -0.28 -5.67
CA HIS A 65 -1.27 -1.44 -6.20
C HIS A 65 -1.55 -2.46 -5.10
N ASP A 66 -0.83 -2.45 -3.97
CA ASP A 66 -1.03 -3.46 -2.99
C ASP A 66 -2.44 -3.51 -2.39
N ARG A 67 -3.13 -2.37 -2.38
CA ARG A 67 -4.49 -2.32 -1.81
C ARG A 67 -5.55 -2.84 -2.75
N PHE A 68 -5.22 -2.99 -4.04
CA PHE A 68 -6.26 -3.06 -5.07
C PHE A 68 -6.89 -4.46 -5.17
N GLY A 69 -6.18 -5.52 -4.81
CA GLY A 69 -6.80 -6.84 -4.83
C GLY A 69 -7.95 -6.91 -3.82
N GLY A 70 -7.74 -6.32 -2.64
CA GLY A 70 -8.80 -6.29 -1.63
C GLY A 70 -10.01 -5.49 -2.10
N TYR A 71 -9.73 -4.35 -2.77
CA TYR A 71 -10.84 -3.59 -3.38
C TYR A 71 -11.63 -4.38 -4.40
N ALA A 72 -10.91 -5.10 -5.25
CA ALA A 72 -11.53 -5.92 -6.30
C ALA A 72 -12.28 -7.11 -5.77
N GLN A 73 -11.74 -7.72 -4.70
CA GLN A 73 -12.43 -8.82 -4.05
C GLN A 73 -13.78 -8.38 -3.53
N SER A 74 -13.88 -7.18 -3.00
CA SER A 74 -15.11 -6.56 -2.47
C SER A 74 -16.03 -5.96 -3.58
N GLY A 75 -15.66 -6.17 -4.85
CA GLY A 75 -16.45 -5.63 -5.92
C GLY A 75 -16.48 -4.13 -6.06
N LEU A 76 -15.44 -3.44 -5.59
CA LEU A 76 -15.45 -2.03 -5.54
C LEU A 76 -14.88 -1.35 -6.80
N LEU A 77 -14.25 -2.11 -7.66
CA LEU A 77 -13.54 -1.55 -8.83
C LEU A 77 -14.16 -2.04 -10.14
N ALA A 78 -14.19 -1.18 -11.12
CA ALA A 78 -14.59 -1.58 -12.49
C ALA A 78 -13.44 -2.29 -13.17
N GLU A 79 -13.72 -3.32 -13.97
CA GLU A 79 -12.68 -3.93 -14.78
C GLU A 79 -12.35 -2.87 -15.83
N ILE A 80 -11.09 -2.68 -16.14
CA ILE A 80 -10.76 -1.61 -17.08
C ILE A 80 -10.58 -2.23 -18.40
N THR A 81 -10.55 -1.35 -19.39
CA THR A 81 -10.89 -1.71 -20.71
C THR A 81 -9.81 -1.35 -21.81
N PRO A 82 -8.49 -1.36 -21.45
CA PRO A 82 -7.55 -0.89 -22.48
C PRO A 82 -7.31 -1.95 -23.57
N ASP A 83 -7.23 -1.53 -24.82
CA ASP A 83 -6.94 -2.46 -25.86
C ASP A 83 -5.42 -2.70 -25.92
N LYS A 84 -5.00 -3.60 -26.82
CA LYS A 84 -3.59 -3.95 -26.91
C LYS A 84 -2.68 -2.77 -27.24
N ALA A 85 -3.12 -1.89 -28.13
CA ALA A 85 -2.32 -0.77 -28.53
C ALA A 85 -2.02 0.11 -27.33
N PHE A 86 -3.02 0.27 -26.44
CA PHE A 86 -2.79 1.10 -25.28
C PHE A 86 -1.88 0.35 -24.26
N GLN A 87 -2.15 -0.93 -24.08
CA GLN A 87 -1.36 -1.70 -23.13
C GLN A 87 0.11 -1.71 -23.52
N ASP A 88 0.38 -1.69 -24.84
CA ASP A 88 1.78 -1.68 -25.28
C ASP A 88 2.55 -0.39 -24.97
N LYS A 89 1.85 0.67 -24.58
CA LYS A 89 2.51 1.91 -24.17
C LYS A 89 3.13 1.89 -22.79
N LEU A 90 2.77 0.91 -21.96
CA LEU A 90 3.28 0.79 -20.59
C LEU A 90 4.06 -0.50 -20.46
N TYR A 91 4.98 -0.49 -19.52
CA TYR A 91 5.78 -1.71 -19.27
C TYR A 91 4.93 -2.89 -18.86
N PRO A 92 5.22 -4.08 -19.44
CA PRO A 92 4.42 -5.23 -19.00
C PRO A 92 4.37 -5.54 -17.51
N PHE A 93 5.48 -5.35 -16.78
CA PHE A 93 5.46 -5.70 -15.35
C PHE A 93 4.49 -4.80 -14.57
N THR A 94 4.23 -3.59 -15.10
CA THR A 94 3.32 -2.65 -14.43
C THR A 94 1.92 -3.18 -14.56
N TRP A 95 1.53 -3.72 -15.72
CA TRP A 95 0.21 -4.30 -15.86
C TRP A 95 0.06 -5.53 -14.95
N ASP A 96 1.16 -6.30 -14.79
CA ASP A 96 1.09 -7.46 -13.87
C ASP A 96 0.65 -7.06 -12.46
N ALA A 97 1.12 -5.89 -12.04
CA ALA A 97 0.88 -5.40 -10.70
C ALA A 97 -0.57 -5.10 -10.45
N VAL A 98 -1.32 -4.78 -11.51
CA VAL A 98 -2.75 -4.43 -11.39
C VAL A 98 -3.65 -5.54 -11.99
N ARG A 99 -3.09 -6.74 -12.19
CA ARG A 99 -3.91 -7.86 -12.67
C ARG A 99 -4.33 -8.70 -11.47
N TYR A 100 -5.61 -8.96 -11.36
CA TYR A 100 -6.14 -9.69 -10.21
C TYR A 100 -7.20 -10.68 -10.71
N ASN A 101 -7.01 -11.96 -10.35
CA ASN A 101 -7.88 -13.03 -10.88
C ASN A 101 -8.15 -12.95 -12.40
N GLY A 102 -7.08 -12.63 -13.11
CA GLY A 102 -7.04 -12.55 -14.55
C GLY A 102 -7.55 -11.28 -15.18
N LYS A 103 -8.07 -10.34 -14.36
CA LYS A 103 -8.68 -9.11 -14.87
C LYS A 103 -7.76 -7.91 -14.54
N LEU A 104 -7.61 -6.98 -15.47
CA LEU A 104 -6.97 -5.71 -15.06
C LEU A 104 -7.91 -4.87 -14.25
N ILE A 105 -7.47 -4.36 -13.08
CA ILE A 105 -8.39 -3.67 -12.17
C ILE A 105 -7.95 -2.22 -11.90
N ALA A 106 -6.89 -1.74 -12.56
CA ALA A 106 -6.43 -0.35 -12.40
C ALA A 106 -5.46 -0.04 -13.49
N TYR A 107 -5.23 1.24 -13.74
CA TYR A 107 -4.16 1.70 -14.64
C TYR A 107 -2.88 1.96 -13.84
N PRO A 108 -1.78 1.33 -14.25
CA PRO A 108 -0.50 1.69 -13.59
C PRO A 108 -0.02 3.06 -13.97
N ILE A 109 0.61 3.77 -13.01
CA ILE A 109 1.09 5.11 -13.23
C ILE A 109 2.62 5.19 -13.08
N ALA A 110 3.14 4.69 -11.95
CA ALA A 110 4.54 4.86 -11.66
C ALA A 110 5.02 3.88 -10.62
N VAL A 111 6.30 3.59 -10.68
CA VAL A 111 6.96 2.64 -9.79
C VAL A 111 7.73 3.43 -8.73
N GLU A 112 7.43 3.09 -7.47
CA GLU A 112 7.91 3.79 -6.29
C GLU A 112 8.81 2.85 -5.53
N ALA A 113 10.02 3.29 -5.16
CA ALA A 113 10.81 2.56 -4.18
C ALA A 113 11.47 3.59 -3.27
N LEU A 114 11.62 3.23 -1.99
CA LEU A 114 12.40 4.04 -1.02
C LEU A 114 13.88 4.00 -1.36
N SER A 115 14.50 5.15 -1.10
CA SER A 115 15.96 5.31 -1.12
C SER A 115 16.45 6.00 0.13
N LEU A 116 17.78 5.93 0.31
CA LEU A 116 18.47 6.72 1.32
C LEU A 116 18.73 8.10 0.76
N ILE A 117 18.28 9.12 1.45
CA ILE A 117 18.47 10.51 1.02
C ILE A 117 19.40 11.12 2.05
N TYR A 118 20.48 11.76 1.59
CA TYR A 118 21.50 12.29 2.55
C TYR A 118 21.91 13.69 2.20
N ASN A 119 22.36 14.43 3.23
CA ASN A 119 22.78 15.85 3.08
C ASN A 119 24.30 15.81 2.85
N LYS A 120 24.70 16.22 1.67
CA LYS A 120 26.07 16.04 1.17
C LYS A 120 27.01 17.00 1.88
N ASP A 121 26.45 18.03 2.46
CA ASP A 121 27.29 19.03 3.22
C ASP A 121 27.59 18.51 4.62
N LEU A 122 26.64 17.83 5.28
CA LEU A 122 26.86 17.18 6.58
C LEU A 122 27.55 15.89 6.44
N LEU A 123 27.36 15.23 5.30
CA LEU A 123 27.74 13.86 5.16
C LEU A 123 28.19 13.54 3.75
N PRO A 124 29.41 13.95 3.39
CA PRO A 124 29.84 13.71 2.03
C PRO A 124 29.97 12.23 1.62
N ASN A 125 30.24 11.33 2.56
CA ASN A 125 30.35 9.90 2.32
C ASN A 125 29.36 9.20 3.24
N PRO A 126 28.13 8.94 2.77
CA PRO A 126 27.20 8.34 3.71
C PRO A 126 27.55 6.84 4.03
N PRO A 127 27.00 6.35 5.13
CA PRO A 127 27.25 4.98 5.52
C PRO A 127 26.67 4.00 4.50
N LYS A 128 27.39 2.92 4.29
CA LYS A 128 26.92 1.81 3.47
C LYS A 128 26.12 0.80 4.26
N THR A 129 26.19 0.85 5.59
CA THR A 129 25.57 -0.17 6.45
C THR A 129 24.80 0.43 7.59
N TRP A 130 23.80 -0.29 8.04
CA TRP A 130 23.07 0.05 9.29
C TRP A 130 23.99 0.05 10.51
N GLU A 131 24.93 -0.91 10.51
CA GLU A 131 25.87 -1.10 11.65
C GLU A 131 26.72 0.16 11.89
N GLU A 132 26.93 0.93 10.83
CA GLU A 132 27.72 2.19 10.92
C GLU A 132 26.97 3.34 11.54
N ILE A 133 25.63 3.24 11.64
CA ILE A 133 24.82 4.40 12.00
C ILE A 133 24.99 4.88 13.46
N PRO A 134 25.06 3.95 14.43
CA PRO A 134 25.22 4.43 15.86
C PRO A 134 26.40 5.36 16.08
N ALA A 135 27.58 4.99 15.59
CA ALA A 135 28.77 5.81 15.77
C ALA A 135 28.66 7.10 14.97
N LEU A 136 28.06 7.05 13.79
CA LEU A 136 27.89 8.29 13.05
C LEU A 136 26.98 9.28 13.80
N ASP A 137 25.88 8.74 14.35
CA ASP A 137 24.99 9.55 15.18
C ASP A 137 25.71 10.21 16.37
N LYS A 138 26.53 9.41 17.07
CA LYS A 138 27.29 9.95 18.21
C LYS A 138 28.13 11.15 17.73
N GLU A 139 28.79 11.00 16.58
CA GLU A 139 29.67 12.08 16.09
C GLU A 139 28.83 13.32 15.75
N LEU A 140 27.68 13.11 15.06
CA LEU A 140 26.81 14.24 14.67
C LEU A 140 26.15 14.89 15.87
N LYS A 141 25.85 14.13 16.91
CA LYS A 141 25.18 14.65 18.09
C LYS A 141 26.10 15.69 18.80
N ALA A 142 27.40 15.46 18.69
CA ALA A 142 28.39 16.40 19.25
C ALA A 142 28.41 17.75 18.53
N LYS A 143 27.80 17.87 17.36
CA LYS A 143 27.68 19.10 16.58
C LYS A 143 26.24 19.57 16.55
N GLY A 144 25.34 18.98 17.35
CA GLY A 144 23.97 19.43 17.40
C GLY A 144 23.10 18.89 16.27
N LYS A 145 23.51 17.75 15.70
CA LYS A 145 22.85 17.14 14.53
C LYS A 145 22.48 15.69 14.91
N SER A 146 21.78 15.00 14.02
CA SER A 146 21.53 13.59 14.16
C SER A 146 21.82 12.90 12.82
N ALA A 147 22.04 11.60 12.88
CA ALA A 147 22.33 10.84 11.68
C ALA A 147 21.09 10.58 10.80
N LEU A 148 19.97 10.21 11.39
CA LEU A 148 18.88 9.62 10.60
C LEU A 148 17.56 9.89 11.24
N MET A 149 16.60 10.41 10.46
CA MET A 149 15.21 10.44 10.89
C MET A 149 14.29 10.03 9.76
N PHE A 150 13.38 9.10 10.02
CA PHE A 150 12.42 8.72 9.01
C PHE A 150 11.13 8.30 9.72
N ASN A 151 10.07 8.14 8.95
CA ASN A 151 8.74 7.79 9.53
C ASN A 151 8.69 6.38 10.15
N LEU A 152 8.77 6.28 11.46
CA LEU A 152 8.66 5.01 12.17
C LEU A 152 7.23 4.56 12.36
N GLN A 153 6.26 5.44 12.09
CA GLN A 153 4.85 5.10 12.32
C GLN A 153 4.17 4.33 11.18
N GLU A 154 4.85 4.18 10.07
CA GLU A 154 4.31 3.41 8.97
C GLU A 154 5.34 2.36 8.64
N PRO A 155 4.89 1.10 8.63
CA PRO A 155 5.85 0.02 8.47
C PRO A 155 6.48 -0.06 7.12
N TYR A 156 5.93 0.62 6.13
CA TYR A 156 6.53 0.71 4.81
C TYR A 156 8.01 1.15 4.88
N PHE A 157 8.31 2.05 5.80
CA PHE A 157 9.68 2.66 5.89
C PHE A 157 10.71 1.79 6.67
N THR A 158 10.22 0.91 7.55
CA THR A 158 11.06 -0.07 8.27
C THR A 158 11.15 -1.39 7.60
N TRP A 159 10.15 -1.74 6.78
CA TRP A 159 10.21 -2.98 6.03
C TRP A 159 11.53 -3.30 5.27
N PRO A 160 12.17 -2.33 4.64
CA PRO A 160 13.38 -2.71 3.91
C PRO A 160 14.44 -3.36 4.84
N LEU A 161 14.52 -2.90 6.06
CA LEU A 161 15.48 -3.44 7.07
C LEU A 161 14.99 -4.79 7.59
N ILE A 162 13.69 -4.88 7.89
CA ILE A 162 13.13 -6.19 8.28
C ILE A 162 13.34 -7.27 7.24
N ALA A 163 13.18 -6.92 5.95
CA ALA A 163 13.32 -7.90 4.88
C ALA A 163 14.78 -8.22 4.58
N ALA A 164 15.72 -7.30 4.94
CA ALA A 164 17.11 -7.45 4.50
C ALA A 164 17.70 -8.86 4.69
N ASP A 165 17.57 -9.36 5.91
CA ASP A 165 18.11 -10.64 6.33
C ASP A 165 17.09 -11.76 6.35
N GLY A 166 15.90 -11.53 5.79
CA GLY A 166 15.01 -12.61 5.39
C GLY A 166 13.54 -12.48 5.76
N GLY A 167 13.12 -11.39 6.40
CA GLY A 167 11.67 -11.19 6.61
C GLY A 167 10.91 -11.17 5.27
N TYR A 168 9.67 -11.68 5.26
CA TYR A 168 8.80 -11.61 4.10
C TYR A 168 7.32 -11.60 4.56
N ALA A 169 6.44 -11.21 3.65
CA ALA A 169 4.99 -11.16 3.93
C ALA A 169 4.43 -12.57 3.69
N PHE A 170 4.22 -12.87 2.42
CA PHE A 170 3.74 -14.19 1.98
C PHE A 170 4.71 -14.77 0.95
N LYS A 171 5.05 -16.04 1.09
CA LYS A 171 6.07 -16.63 0.26
C LYS A 171 5.62 -16.72 -1.22
N TYR A 172 6.51 -16.29 -2.12
CA TYR A 172 6.26 -16.36 -3.58
C TYR A 172 6.56 -17.81 -4.01
N GLU A 173 5.58 -18.43 -4.66
CA GLU A 173 5.71 -19.82 -5.19
C GLU A 173 5.32 -19.76 -6.66
N ASN A 174 6.32 -19.61 -7.49
CA ASN A 174 6.17 -19.77 -8.93
C ASN A 174 5.04 -18.98 -9.54
N GLY A 175 4.89 -17.74 -9.12
CA GLY A 175 3.93 -16.83 -9.66
C GLY A 175 2.72 -16.56 -8.79
N LYS A 176 2.55 -17.35 -7.72
CA LYS A 176 1.42 -17.24 -6.78
C LYS A 176 2.01 -16.96 -5.38
N TYR A 177 1.24 -16.32 -4.51
CA TYR A 177 1.69 -16.15 -3.13
C TYR A 177 1.02 -17.14 -2.25
N ASP A 178 1.79 -17.80 -1.39
CA ASP A 178 1.26 -18.80 -0.47
C ASP A 178 0.90 -18.10 0.81
N ILE A 179 -0.41 -17.91 1.03
CA ILE A 179 -0.83 -17.17 2.20
C ILE A 179 -0.75 -17.95 3.49
N LYS A 180 -0.43 -19.26 3.44
CA LYS A 180 -0.11 -20.04 4.63
C LYS A 180 1.34 -19.98 5.02
N ASP A 181 2.18 -19.24 4.26
CA ASP A 181 3.61 -19.22 4.49
C ASP A 181 4.02 -17.76 4.74
N VAL A 182 3.95 -17.36 6.02
CA VAL A 182 4.10 -15.96 6.43
C VAL A 182 5.46 -15.83 7.04
N GLY A 183 6.15 -14.74 6.72
CA GLY A 183 7.58 -14.57 7.10
C GLY A 183 7.86 -13.39 8.05
N VAL A 184 6.88 -13.03 8.86
CA VAL A 184 6.99 -11.83 9.76
C VAL A 184 7.76 -12.13 11.05
N ASP A 185 7.74 -13.36 11.53
CA ASP A 185 8.40 -13.75 12.80
C ASP A 185 9.60 -14.66 12.62
N ASN A 186 10.18 -14.68 11.41
CA ASN A 186 11.38 -15.49 11.16
C ASN A 186 12.63 -14.79 11.67
N ALA A 187 13.71 -15.54 11.63
CA ALA A 187 14.99 -15.12 12.23
C ALA A 187 15.44 -13.79 11.59
N GLY A 188 15.30 -13.67 10.26
CA GLY A 188 15.70 -12.42 9.64
C GLY A 188 14.87 -11.21 9.99
N ALA A 189 13.55 -11.40 10.06
CA ALA A 189 12.67 -10.31 10.48
C ALA A 189 13.03 -9.83 11.89
N LYS A 190 13.21 -10.80 12.81
CA LYS A 190 13.55 -10.45 14.18
C LYS A 190 14.90 -9.74 14.25
N ALA A 191 15.87 -10.17 13.42
CA ALA A 191 17.20 -9.54 13.50
C ALA A 191 17.15 -8.11 13.08
N GLY A 192 16.38 -7.80 12.02
CA GLY A 192 16.43 -6.41 11.53
C GLY A 192 15.67 -5.50 12.46
N LEU A 193 14.51 -5.94 12.94
CA LEU A 193 13.76 -5.09 13.88
C LEU A 193 14.55 -4.90 15.23
N THR A 194 15.26 -5.94 15.68
CA THR A 194 16.09 -5.83 16.85
C THR A 194 17.14 -4.72 16.65
N PHE A 195 17.74 -4.69 15.48
CA PHE A 195 18.73 -3.60 15.22
C PHE A 195 18.10 -2.21 15.32
N LEU A 196 16.92 -2.04 14.73
CA LEU A 196 16.26 -0.72 14.75
C LEU A 196 15.90 -0.33 16.18
N VAL A 197 15.36 -1.29 16.95
CA VAL A 197 14.96 -1.02 18.30
C VAL A 197 16.21 -0.72 19.22
N ASP A 198 17.35 -1.31 18.93
CA ASP A 198 18.56 -0.97 19.69
C ASP A 198 19.01 0.44 19.40
N LEU A 199 18.84 0.90 18.14
CA LEU A 199 19.16 2.31 17.81
C LEU A 199 18.33 3.21 18.69
N ILE A 200 17.06 2.86 18.89
CA ILE A 200 16.15 3.69 19.66
C ILE A 200 16.49 3.64 21.13
N LYS A 201 16.76 2.45 21.66
CA LYS A 201 17.18 2.30 23.05
C LYS A 201 18.38 3.16 23.38
N ASN A 202 19.30 3.27 22.45
CA ASN A 202 20.55 3.99 22.70
C ASN A 202 20.46 5.44 22.22
N LYS A 203 19.26 5.92 22.01
CA LYS A 203 18.94 7.32 21.70
C LYS A 203 19.58 7.84 20.39
N HIS A 204 19.73 6.94 19.43
CA HIS A 204 20.13 7.25 18.10
C HIS A 204 18.96 7.45 17.16
N MET A 205 17.75 7.26 17.66
CA MET A 205 16.54 7.51 16.92
C MET A 205 15.41 7.60 17.94
N ASN A 206 14.36 8.33 17.61
CA ASN A 206 13.23 8.55 18.56
C ASN A 206 12.01 7.75 18.10
N ALA A 207 11.41 6.94 19.01
CA ALA A 207 10.25 6.10 18.64
C ALA A 207 9.09 6.93 18.06
N ASP A 208 9.03 8.21 18.39
CA ASP A 208 7.87 9.02 18.01
C ASP A 208 8.03 9.73 16.68
N THR A 209 9.17 9.56 16.00
CA THR A 209 9.38 10.24 14.76
C THR A 209 8.35 9.79 13.74
N ASP A 210 7.75 10.74 13.05
CA ASP A 210 6.70 10.48 12.00
C ASP A 210 7.08 11.19 10.73
N TYR A 211 6.21 11.19 9.73
CA TYR A 211 6.61 11.66 8.41
C TYR A 211 6.99 13.16 8.46
N SER A 212 6.15 13.92 9.11
CA SER A 212 6.36 15.37 9.07
C SER A 212 7.54 15.79 9.96
N ILE A 213 7.75 15.11 11.07
CA ILE A 213 8.94 15.37 11.93
C ILE A 213 10.22 15.10 11.14
N ALA A 214 10.27 13.91 10.52
CA ALA A 214 11.46 13.58 9.73
C ALA A 214 11.71 14.47 8.57
N GLU A 215 10.65 14.81 7.79
CA GLU A 215 10.79 15.69 6.65
C GLU A 215 11.31 17.09 7.07
N ALA A 216 10.75 17.63 8.12
CA ALA A 216 11.20 18.96 8.62
C ALA A 216 12.65 18.91 9.09
N ALA A 217 13.02 17.85 9.80
CA ALA A 217 14.40 17.69 10.27
C ALA A 217 15.39 17.66 9.14
N PHE A 218 15.09 16.83 8.13
CA PHE A 218 15.97 16.77 6.99
C PHE A 218 16.05 18.09 6.21
N ASN A 219 14.90 18.66 5.95
CA ASN A 219 14.84 19.82 5.07
C ASN A 219 15.37 21.10 5.75
N LYS A 220 15.44 21.09 7.05
CA LYS A 220 16.09 22.16 7.86
C LYS A 220 17.55 21.91 8.15
N GLY A 221 18.14 20.82 7.63
CA GLY A 221 19.55 20.54 7.86
C GLY A 221 19.91 20.07 9.23
N GLU A 222 18.93 19.54 10.00
CA GLU A 222 19.15 19.06 11.33
C GLU A 222 19.60 17.58 11.44
N THR A 223 19.18 16.78 10.46
CA THR A 223 19.58 15.36 10.41
C THR A 223 20.25 15.09 9.08
N ALA A 224 21.27 14.22 9.09
CA ALA A 224 22.04 13.98 7.93
C ALA A 224 21.43 13.05 6.85
N MET A 225 20.43 12.27 7.24
CA MET A 225 19.85 11.27 6.37
C MET A 225 18.36 11.14 6.67
N THR A 226 17.62 10.75 5.63
CA THR A 226 16.24 10.29 5.77
C THR A 226 15.99 9.13 4.79
N ILE A 227 14.85 8.45 4.94
CA ILE A 227 14.44 7.37 4.06
C ILE A 227 13.09 7.84 3.50
N ASN A 228 12.98 7.92 2.19
CA ASN A 228 11.78 8.44 1.58
C ASN A 228 11.78 8.12 0.13
N GLY A 229 10.61 8.34 -0.44
CA GLY A 229 10.34 8.12 -1.84
C GLY A 229 10.51 9.37 -2.75
N PRO A 230 10.31 9.16 -4.07
CA PRO A 230 10.55 10.23 -5.03
C PRO A 230 9.73 11.47 -4.81
N TRP A 231 8.50 11.24 -4.32
CA TRP A 231 7.59 12.34 -4.04
C TRP A 231 8.21 13.41 -3.12
N ALA A 232 9.12 12.99 -2.27
CA ALA A 232 9.67 13.86 -1.28
C ALA A 232 10.69 14.84 -1.91
N TRP A 233 11.18 14.62 -3.11
CA TRP A 233 12.35 15.39 -3.62
C TRP A 233 12.00 16.85 -3.85
N SER A 234 10.77 17.12 -4.20
CA SER A 234 10.35 18.53 -4.44
C SER A 234 10.55 19.44 -3.24
N ASN A 235 10.09 19.02 -2.11
CA ASN A 235 10.28 19.82 -0.89
C ASN A 235 11.74 19.96 -0.51
N ILE A 236 12.56 18.96 -0.81
CA ILE A 236 14.02 19.11 -0.51
C ILE A 236 14.63 20.12 -1.49
N ASP A 237 14.18 20.10 -2.74
CA ASP A 237 14.62 21.14 -3.72
C ASP A 237 14.36 22.55 -3.21
N THR A 238 13.17 22.78 -2.69
CA THR A 238 12.71 24.08 -2.19
C THR A 238 13.56 24.50 -1.00
N SER A 239 13.86 23.55 -0.13
CA SER A 239 14.72 23.80 1.03
C SER A 239 16.15 24.20 0.71
N LYS A 240 16.66 23.89 -0.51
CA LYS A 240 18.03 24.18 -0.90
C LYS A 240 19.11 23.31 -0.21
N VAL A 241 18.71 22.27 0.52
CA VAL A 241 19.69 21.29 1.01
C VAL A 241 20.36 20.65 -0.15
N ASN A 242 21.69 20.51 -0.09
CA ASN A 242 22.48 19.78 -1.08
C ASN A 242 22.40 18.26 -0.82
N TYR A 243 21.49 17.58 -1.50
CA TYR A 243 21.19 16.17 -1.15
C TYR A 243 21.60 15.23 -2.23
N GLY A 244 21.82 13.96 -1.85
CA GLY A 244 22.01 12.87 -2.76
C GLY A 244 20.96 11.81 -2.45
N VAL A 245 20.67 11.02 -3.42
CA VAL A 245 19.72 9.87 -3.34
C VAL A 245 20.54 8.65 -3.65
N THR A 246 20.58 7.66 -2.75
CA THR A 246 21.47 6.51 -2.95
C THR A 246 20.88 5.19 -2.40
N VAL A 247 21.70 4.16 -2.45
CA VAL A 247 21.30 2.85 -2.00
C VAL A 247 21.03 2.86 -0.50
N LEU A 248 20.01 2.15 -0.08
CA LEU A 248 19.71 1.92 1.34
C LEU A 248 20.90 1.16 2.01
N PRO A 249 21.11 1.38 3.29
CA PRO A 249 22.23 0.66 3.97
C PRO A 249 21.95 -0.84 4.02
N THR A 250 23.02 -1.65 4.01
CA THR A 250 22.92 -3.10 4.19
C THR A 250 22.78 -3.45 5.66
N PHE A 251 22.41 -4.68 5.95
CA PHE A 251 22.33 -5.18 7.30
C PHE A 251 22.85 -6.61 7.25
N LYS A 252 23.84 -6.89 8.13
CA LYS A 252 24.57 -8.13 8.08
C LYS A 252 25.06 -8.48 6.70
N GLY A 253 25.48 -7.47 5.95
CA GLY A 253 26.03 -7.63 4.65
C GLY A 253 25.00 -7.82 3.51
N GLN A 254 23.70 -7.83 3.87
CA GLN A 254 22.66 -8.07 2.88
C GLN A 254 21.98 -6.72 2.51
N PRO A 255 21.60 -6.54 1.25
CA PRO A 255 20.87 -5.36 0.87
C PRO A 255 19.56 -5.22 1.63
N SER A 256 19.18 -4.00 2.01
CA SER A 256 17.81 -3.72 2.38
C SER A 256 16.90 -3.96 1.16
N LYS A 257 15.69 -4.43 1.42
CA LYS A 257 14.81 -4.96 0.38
C LYS A 257 13.47 -4.22 0.52
N PRO A 258 13.39 -3.02 -0.07
CA PRO A 258 12.11 -2.29 0.01
C PRO A 258 10.95 -2.99 -0.69
N PHE A 259 9.74 -2.85 -0.15
CA PHE A 259 8.55 -3.31 -0.89
C PHE A 259 8.24 -2.18 -1.92
N VAL A 260 8.21 -2.54 -3.20
CA VAL A 260 8.04 -1.63 -4.35
C VAL A 260 6.55 -1.52 -4.68
N GLY A 261 6.06 -0.28 -4.74
CA GLY A 261 4.71 0.05 -5.08
C GLY A 261 4.57 0.57 -6.50
N VAL A 262 3.45 0.20 -7.14
CA VAL A 262 3.08 0.76 -8.43
C VAL A 262 1.90 1.65 -8.09
N LEU A 263 2.10 2.96 -8.16
CA LEU A 263 0.98 3.91 -7.98
C LEU A 263 0.03 3.64 -9.12
N SER A 264 -1.27 3.43 -8.82
CA SER A 264 -2.24 2.94 -9.74
C SER A 264 -3.55 3.71 -9.59
N ALA A 265 -4.34 3.78 -10.66
CA ALA A 265 -5.60 4.50 -10.65
C ALA A 265 -6.70 3.51 -10.99
N GLY A 266 -7.60 3.33 -10.04
CA GLY A 266 -8.80 2.50 -10.21
C GLY A 266 -10.06 3.30 -10.42
N ILE A 267 -11.02 2.66 -11.09
CA ILE A 267 -12.32 3.29 -11.34
C ILE A 267 -13.30 2.68 -10.39
N ASN A 268 -14.05 3.52 -9.67
CA ASN A 268 -15.11 3.00 -8.79
C ASN A 268 -16.16 2.23 -9.56
N ALA A 269 -16.48 1.03 -9.09
CA ALA A 269 -17.50 0.18 -9.69
C ALA A 269 -18.86 0.88 -9.73
N ALA A 270 -19.08 1.82 -8.83
CA ALA A 270 -20.38 2.55 -8.78
C ALA A 270 -20.36 3.86 -9.59
N SER A 271 -19.24 4.19 -10.25
CA SER A 271 -19.16 5.49 -10.97
C SER A 271 -20.13 5.40 -12.15
N PRO A 272 -20.97 6.45 -12.39
CA PRO A 272 -21.67 6.57 -13.68
C PRO A 272 -20.84 7.21 -14.76
N ASN A 273 -19.51 7.46 -14.53
CA ASN A 273 -18.67 8.18 -15.45
C ASN A 273 -17.52 7.32 -15.91
N LYS A 274 -17.77 6.04 -16.08
CA LYS A 274 -16.62 5.13 -16.42
C LYS A 274 -15.97 5.49 -17.75
N GLU A 275 -16.74 5.89 -18.78
CA GLU A 275 -16.13 6.32 -20.03
C GLU A 275 -15.31 7.60 -19.88
N LEU A 276 -15.80 8.56 -19.11
CA LEU A 276 -15.06 9.82 -18.89
C LEU A 276 -13.76 9.51 -18.12
N ALA A 277 -13.84 8.60 -17.16
CA ALA A 277 -12.65 8.22 -16.39
C ALA A 277 -11.62 7.59 -17.30
N LYS A 278 -12.07 6.67 -18.17
CA LYS A 278 -11.19 6.07 -19.20
C LYS A 278 -10.56 7.14 -20.09
N GLU A 279 -11.36 8.11 -20.59
CA GLU A 279 -10.86 9.14 -21.44
C GLU A 279 -9.75 9.97 -20.68
N PHE A 280 -10.04 10.33 -19.44
CA PHE A 280 -9.10 11.09 -18.65
C PHE A 280 -7.80 10.31 -18.43
N LEU A 281 -7.95 9.07 -18.00
CA LEU A 281 -6.74 8.28 -17.66
C LEU A 281 -5.90 7.92 -18.89
N GLU A 282 -6.55 7.44 -19.93
CA GLU A 282 -5.83 6.96 -21.12
C GLU A 282 -5.32 8.12 -22.01
N ASN A 283 -6.11 9.18 -22.18
CA ASN A 283 -5.88 10.21 -23.19
C ASN A 283 -5.29 11.49 -22.63
N TYR A 284 -5.41 11.69 -21.30
CA TYR A 284 -4.92 12.91 -20.66
C TYR A 284 -3.82 12.63 -19.68
N LEU A 285 -4.06 11.77 -18.69
CA LEU A 285 -2.99 11.48 -17.69
C LEU A 285 -1.81 10.71 -18.26
N LEU A 286 -2.08 9.55 -18.83
CA LEU A 286 -1.00 8.64 -19.28
C LEU A 286 -0.47 9.04 -20.70
N THR A 287 0.01 10.26 -20.71
CA THR A 287 0.68 10.90 -21.81
C THR A 287 1.92 11.57 -21.30
N ASP A 288 2.87 11.87 -22.19
CA ASP A 288 4.06 12.58 -21.68
C ASP A 288 3.70 13.88 -20.99
N GLU A 289 2.81 14.66 -21.62
CA GLU A 289 2.40 15.91 -20.98
C GLU A 289 1.68 15.77 -19.65
N GLY A 290 0.77 14.78 -19.53
CA GLY A 290 0.04 14.59 -18.29
C GLY A 290 0.95 14.16 -17.12
N LEU A 291 1.82 13.20 -17.44
CA LEU A 291 2.77 12.70 -16.41
C LEU A 291 3.76 13.80 -16.04
N GLU A 292 4.14 14.63 -17.02
CA GLU A 292 5.06 15.74 -16.74
C GLU A 292 4.46 16.74 -15.79
N ALA A 293 3.16 17.04 -15.95
CA ALA A 293 2.51 17.98 -15.08
C ALA A 293 2.50 17.49 -13.63
N VAL A 294 2.21 16.21 -13.45
CA VAL A 294 2.17 15.64 -12.09
C VAL A 294 3.61 15.60 -11.50
N ASN A 295 4.53 15.10 -12.31
CA ASN A 295 5.93 14.85 -11.95
C ASN A 295 6.59 16.20 -11.51
N LYS A 296 6.27 17.27 -12.23
CA LYS A 296 6.81 18.60 -11.89
C LYS A 296 6.39 19.10 -10.55
N ASP A 297 5.20 18.71 -10.10
CA ASP A 297 4.68 19.00 -8.81
C ASP A 297 5.41 18.16 -7.73
N LYS A 298 5.25 16.83 -7.81
CA LYS A 298 5.97 15.88 -6.93
C LYS A 298 6.41 14.76 -7.77
N PRO A 299 7.72 14.42 -7.78
CA PRO A 299 8.17 13.35 -8.66
C PRO A 299 7.45 12.02 -8.45
N LEU A 300 7.11 11.39 -9.56
CA LEU A 300 6.40 10.10 -9.54
C LEU A 300 7.25 8.91 -9.22
N GLY A 301 8.55 9.00 -9.52
CA GLY A 301 9.42 7.81 -9.66
C GLY A 301 9.62 7.37 -11.06
N ALA A 302 9.72 6.06 -11.27
CA ALA A 302 9.92 5.51 -12.58
C ALA A 302 8.56 5.21 -13.26
N VAL A 303 8.18 6.02 -14.22
CA VAL A 303 6.81 5.95 -14.66
C VAL A 303 6.55 4.67 -15.54
N ALA A 304 5.27 4.27 -15.59
CA ALA A 304 4.90 3.10 -16.33
C ALA A 304 4.92 3.33 -17.86
N LEU A 305 4.70 4.60 -18.28
CA LEU A 305 4.60 4.98 -19.65
C LEU A 305 6.02 5.04 -20.31
N LYS A 306 6.28 4.11 -21.22
CA LYS A 306 7.60 3.93 -21.82
C LYS A 306 8.19 5.21 -22.36
N SER A 307 7.40 5.97 -23.11
CA SER A 307 7.91 7.16 -23.78
C SER A 307 8.48 8.18 -22.79
N TYR A 308 7.84 8.37 -21.62
CA TYR A 308 8.31 9.34 -20.68
C TYR A 308 9.40 8.77 -19.79
N GLU A 309 9.32 7.47 -19.48
CA GLU A 309 10.34 6.82 -18.64
C GLU A 309 11.71 6.89 -19.35
N GLU A 310 11.68 6.87 -20.68
CA GLU A 310 12.94 6.85 -21.47
C GLU A 310 13.69 8.14 -21.23
N GLU A 311 12.98 9.22 -20.92
CA GLU A 311 13.57 10.49 -20.49
C GLU A 311 14.04 10.44 -18.99
N LEU A 312 13.15 10.01 -18.11
CA LEU A 312 13.42 10.08 -16.67
C LEU A 312 14.61 9.19 -16.22
N VAL A 313 14.87 8.09 -16.93
CA VAL A 313 15.97 7.16 -16.55
C VAL A 313 17.33 7.85 -16.54
N LYS A 314 17.45 8.97 -17.22
CA LYS A 314 18.71 9.73 -17.20
C LYS A 314 18.97 10.45 -15.88
N ASP A 315 17.94 10.65 -15.05
CA ASP A 315 18.08 11.34 -13.81
C ASP A 315 18.79 10.41 -12.81
N PRO A 316 19.96 10.81 -12.28
CA PRO A 316 20.64 9.94 -11.29
C PRO A 316 19.79 9.49 -10.08
N ARG A 317 18.83 10.34 -9.67
CA ARG A 317 17.93 10.00 -8.55
C ARG A 317 17.03 8.84 -8.91
N ILE A 318 16.64 8.80 -10.16
CA ILE A 318 15.80 7.65 -10.67
C ILE A 318 16.68 6.39 -10.80
N ALA A 319 17.93 6.55 -11.23
CA ALA A 319 18.85 5.42 -11.23
C ALA A 319 18.99 4.81 -9.82
N ALA A 320 19.07 5.66 -8.80
CA ALA A 320 19.13 5.20 -7.41
C ALA A 320 17.85 4.52 -7.00
N THR A 321 16.72 5.15 -7.36
CA THR A 321 15.39 4.56 -7.05
C THR A 321 15.30 3.16 -7.64
N MET A 322 15.73 3.00 -8.91
CA MET A 322 15.66 1.72 -9.54
C MET A 322 16.63 0.67 -8.95
N GLU A 323 17.81 1.12 -8.49
CA GLU A 323 18.81 0.23 -7.87
C GLU A 323 18.13 -0.34 -6.57
N ASN A 324 17.51 0.53 -5.79
CA ASN A 324 16.78 0.09 -4.58
C ASN A 324 15.60 -0.82 -4.92
N ALA A 325 14.87 -0.48 -5.97
CA ALA A 325 13.75 -1.34 -6.40
C ALA A 325 14.21 -2.73 -6.77
N GLN A 326 15.34 -2.82 -7.48
CA GLN A 326 15.80 -4.10 -7.94
C GLN A 326 16.31 -5.00 -6.78
N LYS A 327 16.72 -4.39 -5.69
CA LYS A 327 17.14 -5.07 -4.48
C LYS A 327 15.92 -5.51 -3.64
N GLY A 328 14.75 -4.94 -3.93
CA GLY A 328 13.52 -5.29 -3.24
C GLY A 328 12.61 -6.18 -4.03
N GLU A 329 11.33 -6.06 -3.74
CA GLU A 329 10.34 -6.90 -4.38
C GLU A 329 9.07 -6.10 -4.60
N ILE A 330 8.42 -6.32 -5.73
CA ILE A 330 7.09 -5.70 -6.00
C ILE A 330 6.09 -6.29 -5.01
N MET A 331 5.29 -5.45 -4.35
CA MET A 331 4.35 -5.95 -3.41
C MET A 331 3.35 -6.93 -4.10
N PRO A 332 2.86 -7.87 -3.31
CA PRO A 332 1.63 -8.56 -3.79
C PRO A 332 0.49 -7.56 -3.84
N ASN A 333 -0.51 -7.85 -4.67
CA ASN A 333 -1.79 -7.11 -4.70
C ASN A 333 -2.92 -7.86 -3.98
N ILE A 334 -2.60 -8.99 -3.36
CA ILE A 334 -3.62 -9.90 -2.82
C ILE A 334 -4.39 -9.27 -1.65
N PRO A 335 -5.64 -9.69 -1.42
CA PRO A 335 -6.40 -9.08 -0.32
C PRO A 335 -5.77 -9.13 1.07
N GLN A 336 -4.94 -10.13 1.29
CA GLN A 336 -4.31 -10.42 2.59
C GLN A 336 -3.27 -9.36 2.95
N MET A 337 -2.89 -8.53 1.98
CA MET A 337 -1.94 -7.45 2.27
C MET A 337 -2.41 -6.48 3.36
N SER A 338 -3.68 -6.21 3.42
CA SER A 338 -4.22 -5.31 4.47
C SER A 338 -3.95 -5.87 5.93
N ALA A 339 -4.22 -7.13 6.15
CA ALA A 339 -3.89 -7.80 7.40
C ALA A 339 -2.43 -7.82 7.76
N PHE A 340 -1.60 -8.08 6.76
CA PHE A 340 -0.18 -8.00 6.91
C PHE A 340 0.24 -6.61 7.39
N TRP A 341 -0.20 -5.56 6.70
CA TRP A 341 0.27 -4.24 7.05
C TRP A 341 -0.23 -3.82 8.44
N TYR A 342 -1.44 -4.16 8.79
CA TYR A 342 -1.98 -3.74 10.11
C TYR A 342 -1.19 -4.43 11.20
N ALA A 343 -0.92 -5.73 11.00
CA ALA A 343 -0.24 -6.47 12.00
C ALA A 343 1.24 -6.01 12.18
N VAL A 344 1.95 -5.78 11.08
CA VAL A 344 3.31 -5.34 11.15
C VAL A 344 3.41 -3.92 11.67
N ARG A 345 2.46 -3.05 11.31
CA ARG A 345 2.44 -1.66 11.87
C ARG A 345 2.41 -1.73 13.41
N THR A 346 1.52 -2.54 13.95
CA THR A 346 1.42 -2.76 15.38
C THR A 346 2.71 -3.31 15.98
N ALA A 347 3.36 -4.28 15.33
CA ALA A 347 4.57 -4.83 15.86
C ALA A 347 5.70 -3.77 15.93
N VAL A 348 5.85 -3.05 14.84
CA VAL A 348 6.95 -2.04 14.78
C VAL A 348 6.75 -0.98 15.88
N ILE A 349 5.55 -0.49 15.98
CA ILE A 349 5.22 0.60 16.95
C ILE A 349 5.39 0.06 18.35
N ASN A 350 4.89 -1.14 18.62
CA ASN A 350 5.00 -1.69 19.95
C ASN A 350 6.45 -2.00 20.33
N ALA A 351 7.26 -2.55 19.38
CA ALA A 351 8.61 -2.83 19.70
C ALA A 351 9.40 -1.48 19.89
N ALA A 352 9.19 -0.51 19.03
CA ALA A 352 9.90 0.81 19.08
C ALA A 352 9.62 1.60 20.37
N SER A 353 8.40 1.50 20.85
CA SER A 353 7.93 2.17 22.06
C SER A 353 8.28 1.41 23.37
N GLY A 354 8.69 0.14 23.29
CA GLY A 354 8.94 -0.70 24.46
C GLY A 354 7.68 -1.34 25.07
N ARG A 355 6.55 -1.20 24.42
CA ARG A 355 5.36 -1.93 24.83
C ARG A 355 5.58 -3.43 24.79
N GLN A 356 6.31 -3.95 23.77
CA GLN A 356 6.68 -5.34 23.69
C GLN A 356 8.12 -5.47 23.34
N THR A 357 8.68 -6.63 23.61
CA THR A 357 10.00 -7.01 23.10
C THR A 357 9.81 -7.24 21.57
N VAL A 358 10.90 -7.16 20.86
CA VAL A 358 10.87 -7.40 19.42
C VAL A 358 10.31 -8.80 19.17
N ASP A 359 10.82 -9.79 19.89
CA ASP A 359 10.41 -11.19 19.72
C ASP A 359 8.92 -11.39 19.95
N GLU A 360 8.40 -10.75 21.00
CA GLU A 360 6.99 -10.88 21.31
C GLU A 360 6.15 -10.11 20.25
N ALA A 361 6.63 -8.95 19.82
CA ALA A 361 5.89 -8.08 18.89
C ALA A 361 5.68 -8.83 17.57
N LEU A 362 6.77 -9.44 17.09
CA LEU A 362 6.67 -10.10 15.79
C LEU A 362 5.97 -11.46 15.93
N LYS A 363 6.20 -12.19 17.03
CA LYS A 363 5.42 -13.40 17.28
C LYS A 363 3.94 -13.13 17.22
N ASP A 364 3.50 -12.08 17.90
CA ASP A 364 2.11 -11.74 17.95
C ASP A 364 1.58 -11.30 16.57
N ALA A 365 2.40 -10.55 15.81
CA ALA A 365 1.98 -10.14 14.46
C ALA A 365 1.76 -11.36 13.55
N GLN A 366 2.68 -12.30 13.60
CA GLN A 366 2.52 -13.56 12.86
C GLN A 366 1.24 -14.29 13.28
N THR A 367 1.03 -14.42 14.57
CA THR A 367 -0.17 -15.09 15.10
C THR A 367 -1.43 -14.39 14.61
N ARG A 368 -1.47 -13.05 14.69
CA ARG A 368 -2.65 -12.25 14.30
C ARG A 368 -2.93 -12.41 12.79
N ILE A 369 -1.90 -12.38 11.93
CA ILE A 369 -2.11 -12.54 10.49
C ILE A 369 -2.75 -13.93 10.26
N LYS A 370 -2.11 -14.96 10.79
CA LYS A 370 -2.53 -16.32 10.49
C LYS A 370 -3.93 -16.56 11.06
N GLU A 371 -4.23 -16.03 12.21
CA GLU A 371 -5.56 -16.15 12.80
C GLU A 371 -6.63 -15.45 11.96
N ALA A 372 -6.37 -14.21 11.56
CA ALA A 372 -7.31 -13.48 10.70
C ALA A 372 -7.60 -14.28 9.43
N LEU A 373 -6.57 -14.79 8.76
CA LEU A 373 -6.71 -15.49 7.53
C LEU A 373 -7.45 -16.82 7.75
N ALA A 374 -7.20 -17.50 8.89
CA ALA A 374 -7.89 -18.81 9.14
C ALA A 374 -9.36 -18.57 9.34
N VAL A 375 -9.69 -17.60 10.17
CA VAL A 375 -11.12 -17.29 10.43
C VAL A 375 -11.86 -16.86 9.16
N GLN A 376 -11.25 -15.99 8.34
CA GLN A 376 -11.87 -15.52 7.08
C GLN A 376 -12.12 -16.77 6.21
N LYS A 377 -11.14 -17.66 6.12
CA LYS A 377 -11.23 -18.83 5.25
C LYS A 377 -12.41 -19.72 5.70
N PHE A 378 -12.44 -19.98 7.00
CA PHE A 378 -13.53 -20.80 7.57
C PHE A 378 -14.94 -20.15 7.33
N PHE A 379 -15.07 -18.90 7.66
CA PHE A 379 -16.32 -18.11 7.50
C PHE A 379 -16.84 -18.26 6.07
N LEU A 380 -15.96 -17.98 5.09
CA LEU A 380 -16.38 -18.01 3.70
C LEU A 380 -16.71 -19.41 3.25
N GLU A 381 -15.92 -20.39 3.62
CA GLU A 381 -16.16 -21.78 3.22
C GLU A 381 -17.48 -22.30 3.81
N GLU A 382 -17.75 -21.94 5.07
CA GLU A 382 -18.99 -22.46 5.75
C GLU A 382 -20.26 -21.80 5.12
N ILE A 383 -20.22 -20.53 4.75
CA ILE A 383 -21.37 -19.88 4.12
C ILE A 383 -21.61 -20.58 2.78
N GLN A 384 -20.55 -20.80 2.03
CA GLN A 384 -20.71 -21.46 0.72
C GLN A 384 -21.27 -22.83 0.82
N LEU A 385 -20.67 -23.64 1.66
CA LEU A 385 -21.13 -24.96 1.88
C LEU A 385 -22.60 -25.02 2.41
N GLY A 386 -22.91 -24.18 3.36
CA GLY A 386 -24.29 -24.15 3.85
C GLY A 386 -25.30 -23.79 2.75
N GLU A 387 -24.98 -22.77 1.97
CA GLU A 387 -25.87 -22.31 0.87
C GLU A 387 -26.00 -23.44 -0.18
N GLU A 388 -24.90 -24.09 -0.49
CA GLU A 388 -24.93 -25.20 -1.46
C GLU A 388 -25.81 -26.34 -1.00
N LEU A 389 -25.67 -26.73 0.26
CA LEU A 389 -26.52 -27.77 0.83
C LEU A 389 -28.01 -27.38 0.90
N LEU A 390 -28.30 -26.10 1.16
CA LEU A 390 -29.72 -25.59 1.14
C LEU A 390 -30.32 -25.62 -0.25
N ALA A 391 -29.54 -25.27 -1.27
CA ALA A 391 -30.02 -25.35 -2.65
C ALA A 391 -30.34 -26.81 -3.06
N GLN A 392 -29.71 -27.78 -2.41
CA GLN A 392 -30.06 -29.19 -2.60
C GLN A 392 -31.14 -29.76 -1.67
N GLY A 393 -31.79 -28.91 -0.86
CA GLY A 393 -32.72 -29.40 0.17
C GLY A 393 -32.21 -30.19 1.37
N ASP A 394 -30.90 -30.19 1.70
CA ASP A 394 -30.52 -30.74 3.03
C ASP A 394 -30.53 -29.59 4.01
N TYR A 395 -31.71 -29.37 4.59
CA TYR A 395 -31.94 -28.20 5.43
C TYR A 395 -31.17 -28.20 6.70
N GLU A 396 -31.22 -29.31 7.42
CA GLU A 396 -30.56 -29.46 8.69
C GLU A 396 -29.06 -29.20 8.52
N LYS A 397 -28.44 -29.86 7.54
CA LYS A 397 -26.97 -29.75 7.36
C LYS A 397 -26.57 -28.37 6.83
N GLY A 398 -27.38 -27.80 5.95
CA GLY A 398 -27.14 -26.49 5.45
C GLY A 398 -27.17 -25.43 6.56
N VAL A 399 -28.22 -25.50 7.39
CA VAL A 399 -28.32 -24.56 8.48
C VAL A 399 -27.18 -24.78 9.45
N ASP A 400 -26.76 -26.02 9.72
CA ASP A 400 -25.65 -26.23 10.65
C ASP A 400 -24.37 -25.48 10.15
N HIS A 401 -24.07 -25.56 8.86
CA HIS A 401 -22.88 -24.84 8.34
C HIS A 401 -23.04 -23.32 8.43
N LEU A 402 -24.22 -22.77 8.12
CA LEU A 402 -24.46 -21.34 8.27
C LEU A 402 -24.31 -20.93 9.71
N THR A 403 -24.76 -21.75 10.66
CA THR A 403 -24.56 -21.43 12.09
C THR A 403 -23.07 -21.35 12.46
N ASN A 404 -22.22 -22.23 11.87
CA ASN A 404 -20.79 -22.15 12.16
C ASN A 404 -20.20 -20.81 11.68
N ALA A 405 -20.63 -20.37 10.52
CA ALA A 405 -20.14 -19.10 10.01
C ALA A 405 -20.58 -17.97 10.93
N ILE A 406 -21.86 -17.96 11.27
CA ILE A 406 -22.38 -16.91 12.16
C ILE A 406 -21.63 -16.93 13.52
N ALA A 407 -21.29 -18.13 14.00
CA ALA A 407 -20.60 -18.29 15.29
C ALA A 407 -19.24 -17.61 15.33
N VAL A 408 -18.60 -17.46 14.17
CA VAL A 408 -17.30 -16.76 14.11
C VAL A 408 -17.44 -15.32 13.62
N CYS A 409 -18.63 -14.76 13.73
CA CYS A 409 -18.92 -13.38 13.39
C CYS A 409 -19.43 -12.66 14.64
N GLY A 410 -18.64 -11.74 15.21
CA GLY A 410 -19.04 -11.13 16.48
C GLY A 410 -20.26 -10.22 16.40
N GLN A 411 -20.51 -9.64 15.24
CA GLN A 411 -21.58 -8.70 14.99
C GLN A 411 -22.31 -9.12 13.73
N PRO A 412 -23.15 -10.15 13.87
CA PRO A 412 -23.74 -10.77 12.66
C PRO A 412 -24.99 -10.12 12.05
N GLN A 413 -25.33 -8.91 12.48
CA GLN A 413 -26.56 -8.27 11.98
C GLN A 413 -26.58 -8.08 10.44
N GLN A 414 -25.48 -7.62 9.85
CA GLN A 414 -25.43 -7.41 8.41
C GLN A 414 -25.40 -8.73 7.65
N LEU A 415 -24.69 -9.72 8.20
CA LEU A 415 -24.65 -11.03 7.60
C LEU A 415 -26.10 -11.62 7.57
N LEU A 416 -26.81 -11.51 8.67
CA LEU A 416 -28.17 -12.06 8.74
C LEU A 416 -29.11 -11.34 7.75
N GLN A 417 -28.92 -10.04 7.55
CA GLN A 417 -29.68 -9.30 6.52
C GLN A 417 -29.37 -9.84 5.10
N VAL A 418 -28.11 -10.16 4.81
CA VAL A 418 -27.73 -10.74 3.52
C VAL A 418 -28.33 -12.10 3.37
N LEU A 419 -28.25 -12.92 4.41
CA LEU A 419 -28.85 -14.25 4.33
C LEU A 419 -30.37 -14.14 4.18
N GLN A 420 -31.01 -13.18 4.84
CA GLN A 420 -32.49 -13.06 4.74
C GLN A 420 -32.97 -12.76 3.30
N GLN A 421 -32.08 -12.14 2.51
CA GLN A 421 -32.36 -11.85 1.10
C GLN A 421 -32.26 -13.02 0.16
N THR A 422 -31.51 -14.04 0.51
CA THR A 422 -31.31 -15.17 -0.38
C THR A 422 -32.02 -16.39 0.06
N LEU A 423 -32.30 -16.53 1.36
CA LEU A 423 -32.83 -17.81 1.83
C LEU A 423 -34.37 -17.77 1.82
N PRO A 424 -35.01 -18.88 1.49
CA PRO A 424 -36.52 -18.89 1.68
C PRO A 424 -36.90 -18.56 3.11
N PRO A 425 -38.01 -17.84 3.30
CA PRO A 425 -38.35 -17.50 4.68
C PRO A 425 -38.44 -18.62 5.72
N PRO A 426 -38.98 -19.81 5.35
CA PRO A 426 -38.98 -20.91 6.33
C PRO A 426 -37.61 -21.38 6.75
N VAL A 427 -36.70 -21.37 5.80
CA VAL A 427 -35.30 -21.73 6.10
C VAL A 427 -34.57 -20.65 6.96
N PHE A 428 -34.80 -19.38 6.66
CA PHE A 428 -34.22 -18.30 7.44
C PHE A 428 -34.74 -18.38 8.87
N GLN A 429 -36.04 -18.73 8.99
CA GLN A 429 -36.62 -18.84 10.33
C GLN A 429 -35.99 -19.99 11.11
N MET A 430 -35.81 -21.14 10.47
CA MET A 430 -35.14 -22.24 11.04
C MET A 430 -33.76 -21.84 11.52
N LEU A 431 -33.05 -21.10 10.67
CA LEU A 431 -31.68 -20.65 11.02
C LEU A 431 -31.73 -19.80 12.29
N LEU A 432 -32.67 -18.86 12.36
CA LEU A 432 -32.78 -17.95 13.52
C LEU A 432 -32.91 -18.67 14.83
N THR A 433 -33.56 -19.81 14.84
CA THR A 433 -33.77 -20.54 16.06
C THR A 433 -32.52 -21.26 16.56
N LYS A 434 -31.49 -21.40 15.68
CA LYS A 434 -30.21 -22.00 16.08
C LYS A 434 -29.21 -21.05 16.74
N LEU A 435 -29.46 -19.76 16.74
CA LEU A 435 -28.43 -18.76 17.04
C LEU A 435 -28.19 -18.52 18.53
N PRO B 2 -18.46 -10.68 -4.10
CA PRO B 2 -18.18 -9.45 -3.36
C PRO B 2 -19.01 -9.21 -2.08
N ARG B 3 -20.29 -9.64 -2.08
CA ARG B 3 -21.19 -9.30 -0.96
C ARG B 3 -20.70 -9.85 0.38
N LEU B 4 -20.19 -11.09 0.36
CA LEU B 4 -19.67 -11.73 1.60
C LEU B 4 -18.34 -11.15 2.03
N SER B 5 -17.44 -10.90 1.08
CA SER B 5 -16.18 -10.21 1.41
C SER B 5 -16.35 -8.84 2.05
N ARG B 6 -17.36 -8.09 1.67
CA ARG B 6 -17.63 -6.82 2.31
C ARG B 6 -18.06 -6.92 3.78
N LEU B 7 -18.42 -8.13 4.26
CA LEU B 7 -18.81 -8.29 5.65
C LEU B 7 -17.60 -8.43 6.60
N LEU B 8 -16.43 -8.62 6.03
CA LEU B 8 -15.22 -8.92 6.79
C LEU B 8 -14.29 -7.72 6.78
N SER B 9 -13.59 -7.57 7.88
CA SER B 9 -12.47 -6.66 7.92
C SER B 9 -11.45 -7.28 8.83
N TYR B 10 -10.31 -6.63 8.93
CA TYR B 10 -9.28 -7.04 9.84
C TYR B 10 -9.81 -7.08 11.25
N ALA B 11 -10.60 -6.07 11.57
CA ALA B 11 -11.13 -5.99 12.93
C ALA B 11 -12.06 -7.15 13.24
N GLY B 12 -12.80 -7.60 12.24
CA GLY B 12 -13.70 -8.70 12.45
C GLY B 12 -14.84 -8.61 11.49
#